data_3NXN
#
_entry.id   3NXN
#
_cell.length_a   51.871
_cell.length_b   57.644
_cell.length_c   61.640
_cell.angle_alpha   90.00
_cell.angle_beta   90.00
_cell.angle_gamma   90.00
#
_symmetry.space_group_name_H-M   'P 21 21 21'
#
loop_
_entity.id
_entity.type
_entity.pdbx_description
1 polymer 'protease covalent dimer'
2 non-polymer N~2~-[(2R,5S)-5-({(2S,3S)-2-[(N-acetyl-L-threonyl)amino]-3-methylpent-4-enoyl}amino)-2-butyl-4,4-dihydroxynonanoyl]-L-glutaminyl-L-argininamide
3 non-polymer 'SULFATE ION'
4 water water
#
_entity_poly.entity_id   1
_entity_poly.type   'polypeptide(L)'
_entity_poly.pdbx_seq_one_letter_code
;PQITLWKRPLVTIRIGGQLKEALLDTGADDTVIEE(NLE)NLPG(YCM)WKPK(NLE)IGGIGGFIKVRQYDQIPVEI
(ABA)GHKAIGTVLVGPTPVNIIGRNLLTQIG(ABA)TLNF(YCM)GGGGPQITLWKRPLVTIRIGGQLKEALLDTGADD
TVIEE(NLE)NLPG(YCM)WKPK(NLE)IGG(OIL)GGFIKVRQYDQIPVEI(ABA)GHKAIGTVLVGPTPVNIIGRNLL
TQIG(ABA)TLNF
;
_entity_poly.pdbx_strand_id   A
#
# COMPACT_ATOMS: atom_id res chain seq x y z
N PRO A 1 4.09 14.14 -12.07
CA PRO A 1 4.82 14.15 -10.80
C PRO A 1 5.51 12.81 -10.54
N GLN A 2 6.74 12.85 -10.05
CA GLN A 2 7.41 11.69 -9.45
C GLN A 2 7.27 11.88 -7.97
N ILE A 3 6.80 10.86 -7.27
CA ILE A 3 6.65 10.94 -5.82
C ILE A 3 7.57 9.94 -5.19
N THR A 4 8.50 10.44 -4.37
CA THR A 4 9.39 9.59 -3.64
C THR A 4 8.66 9.03 -2.39
N LEU A 5 9.29 8.06 -1.74
CA LEU A 5 8.62 7.31 -0.70
C LEU A 5 9.30 7.49 0.65
N TRP A 6 10.09 8.54 0.78
CA TRP A 6 10.71 8.87 2.10
C TRP A 6 9.66 9.20 3.16
N LYS A 7 8.57 9.86 2.75
CA LYS A 7 7.40 10.00 3.59
C LYS A 7 6.18 9.42 2.91
N ARG A 8 5.07 9.37 3.64
CA ARG A 8 3.82 8.83 3.14
C ARG A 8 3.43 9.62 1.89
N PRO A 9 3.08 8.92 0.80
CA PRO A 9 2.64 9.58 -0.44
C PRO A 9 1.25 10.14 -0.41
N LEU A 10 1.11 11.30 0.23
CA LEU A 10 -0.19 11.93 0.47
C LEU A 10 -0.38 13.03 -0.54
N VAL A 11 -1.54 13.04 -1.18
CA VAL A 11 -1.85 14.00 -2.17
C VAL A 11 -3.26 14.53 -1.95
N THR A 12 -3.57 15.67 -2.57
CA THR A 12 -4.90 16.21 -2.48
C THR A 12 -5.81 15.59 -3.55
N ILE A 13 -7.01 15.24 -3.16
CA ILE A 13 -8.00 14.73 -4.07
C ILE A 13 -9.26 15.59 -3.99
N ARG A 14 -10.06 15.56 -5.04
CA ARG A 14 -11.38 16.13 -4.97
C ARG A 14 -12.42 15.06 -5.18
N ILE A 15 -13.39 14.98 -4.26
CA ILE A 15 -14.43 13.98 -4.33
C ILE A 15 -15.70 14.53 -3.68
N GLY A 16 -16.81 14.33 -4.36
CA GLY A 16 -18.13 14.82 -3.94
C GLY A 16 -18.14 16.32 -3.70
N GLY A 17 -17.34 17.06 -4.46
CA GLY A 17 -17.22 18.51 -4.31
C GLY A 17 -16.26 18.92 -3.20
N GLN A 18 -15.76 17.95 -2.44
CA GLN A 18 -14.90 18.26 -1.29
C GLN A 18 -13.45 18.00 -1.60
N LEU A 19 -12.55 18.80 -1.01
CA LEU A 19 -11.13 18.53 -1.05
C LEU A 19 -10.62 17.82 0.19
N LYS A 20 -9.82 16.75 -0.02
CA LYS A 20 -9.31 15.89 1.04
C LYS A 20 -7.87 15.46 0.76
N GLU A 21 -7.21 14.91 1.77
CA GLU A 21 -5.86 14.37 1.62
C GLU A 21 -6.03 12.86 1.56
N ALA A 22 -5.28 12.20 0.66
CA ALA A 22 -5.35 10.77 0.50
C ALA A 22 -3.99 10.15 0.23
N LEU A 23 -3.81 8.91 0.65
CA LEU A 23 -2.58 8.17 0.49
C LEU A 23 -2.61 7.33 -0.78
N LEU A 24 -1.61 7.52 -1.64
CA LEU A 24 -1.52 6.73 -2.86
C LEU A 24 -0.99 5.34 -2.50
N ASP A 25 -1.83 4.31 -2.64
CA ASP A 25 -1.50 2.99 -2.07
C ASP A 25 -1.54 1.84 -3.08
N THR A 26 -0.37 1.47 -3.60
CA THR A 26 -0.23 0.35 -4.47
C THR A 26 -0.66 -0.97 -3.86
N GLY A 27 -0.67 -1.07 -2.54
CA GLY A 27 -1.11 -2.24 -1.82
C GLY A 27 -2.60 -2.36 -1.57
N ALA A 28 -3.36 -1.38 -2.03
CA ALA A 28 -4.81 -1.39 -1.93
C ALA A 28 -5.47 -1.72 -3.26
N ASP A 29 -6.32 -2.76 -3.25
CA ASP A 29 -7.05 -3.09 -4.47
C ASP A 29 -8.06 -1.98 -4.84
N ASP A 30 -8.69 -1.43 -3.78
CA ASP A 30 -9.82 -0.51 -3.85
C ASP A 30 -9.45 0.82 -3.18
N THR A 31 -10.34 1.78 -3.37
CA THR A 31 -10.19 3.13 -2.87
C THR A 31 -11.17 3.28 -1.69
N VAL A 32 -10.67 3.77 -0.57
CA VAL A 32 -11.41 3.76 0.68
C VAL A 32 -11.36 5.16 1.25
N ILE A 33 -12.51 5.82 1.33
CA ILE A 33 -12.59 7.21 1.80
C ILE A 33 -13.37 7.29 3.12
N GLU A 34 -12.96 8.24 3.95
CA GLU A 34 -13.52 8.46 5.26
C GLU A 34 -14.98 8.80 5.14
N GLU A 35 -15.65 8.60 6.26
CA GLU A 35 -17.07 8.75 6.31
C GLU A 35 -17.43 10.09 5.69
N ASN A 37 -20.69 11.72 2.58
CA ASN A 37 -21.92 11.47 1.81
C ASN A 37 -21.60 11.31 0.33
N LEU A 38 -22.08 10.24 -0.28
CA LEU A 38 -22.10 10.12 -1.73
C LEU A 38 -23.53 9.72 -2.02
N PRO A 39 -24.43 10.68 -2.23
CA PRO A 39 -25.69 10.18 -2.79
C PRO A 39 -25.43 9.17 -3.93
N GLY A 40 -26.32 8.18 -4.07
CA GLY A 40 -26.20 7.13 -5.09
C GLY A 40 -26.63 5.78 -4.51
N TRP A 42 -25.92 2.23 -3.10
CA TRP A 42 -24.72 1.60 -2.51
C TRP A 42 -24.95 0.15 -2.10
N LYS A 43 -23.88 -0.62 -2.02
CA LYS A 43 -24.04 -1.91 -1.41
C LYS A 43 -23.01 -2.24 -0.37
N PRO A 44 -23.41 -3.06 0.60
CA PRO A 44 -22.48 -3.33 1.68
C PRO A 44 -21.34 -4.21 1.22
N LYS A 45 -20.15 -3.95 1.78
CA LYS A 45 -18.95 -4.73 1.47
C LYS A 45 -18.11 -4.82 2.77
N ILE A 47 -14.00 -5.13 3.76
CA ILE A 47 -12.64 -5.17 3.24
C ILE A 47 -11.65 -5.36 4.36
N GLY A 48 -10.54 -5.99 4.03
CA GLY A 48 -9.65 -6.46 5.07
C GLY A 48 -8.24 -6.02 4.79
N GLY A 49 -7.48 -6.01 5.86
CA GLY A 49 -6.06 -5.89 5.82
C GLY A 49 -5.51 -6.20 7.20
N ILE A 50 -4.42 -5.53 7.57
CA ILE A 50 -3.86 -5.74 8.88
C ILE A 50 -4.88 -5.41 9.98
N GLY A 51 -5.06 -6.35 10.90
CA GLY A 51 -5.93 -6.17 12.05
C GLY A 51 -7.32 -6.73 11.82
N GLY A 52 -7.70 -6.97 10.58
CA GLY A 52 -9.04 -7.53 10.32
C GLY A 52 -9.82 -6.82 9.25
N PHE A 53 -11.15 -6.89 9.34
CA PHE A 53 -12.06 -6.32 8.35
C PHE A 53 -12.86 -5.13 8.88
N ILE A 54 -13.21 -4.20 8.00
CA ILE A 54 -14.21 -3.19 8.30
C ILE A 54 -15.34 -3.27 7.29
N LYS A 55 -16.54 -2.89 7.72
CA LYS A 55 -17.67 -2.77 6.84
C LYS A 55 -17.67 -1.37 6.19
N VAL A 56 -17.96 -1.34 4.89
CA VAL A 56 -17.95 -0.12 4.10
C VAL A 56 -19.16 -0.15 3.18
N ARG A 57 -19.48 1.01 2.63
CA ARG A 57 -20.49 1.17 1.60
C ARG A 57 -19.82 1.37 0.25
N GLN A 58 -20.19 0.54 -0.74
CA GLN A 58 -19.69 0.57 -2.11
C GLN A 58 -20.54 1.41 -3.01
N TYR A 59 -19.94 2.51 -3.50
CA TYR A 59 -20.57 3.37 -4.48
C TYR A 59 -19.81 3.25 -5.78
N ASP A 60 -20.55 3.17 -6.87
CA ASP A 60 -19.92 3.17 -8.19
C ASP A 60 -19.97 4.48 -8.96
N GLN A 61 -19.06 4.55 -9.92
CA GLN A 61 -19.01 5.64 -10.89
C GLN A 61 -18.95 7.00 -10.20
N ILE A 62 -18.11 7.07 -9.19
CA ILE A 62 -17.84 8.29 -8.45
C ILE A 62 -16.61 8.99 -9.03
N PRO A 63 -16.77 10.22 -9.52
CA PRO A 63 -15.59 11.00 -9.96
C PRO A 63 -14.65 11.38 -8.83
N VAL A 64 -13.35 11.12 -8.98
CA VAL A 64 -12.28 11.46 -8.00
C VAL A 64 -11.12 12.11 -8.77
N GLU A 65 -10.77 13.35 -8.46
CA GLU A 65 -9.66 14.04 -9.10
C GLU A 65 -8.51 13.87 -8.14
N ILE A 66 -7.38 13.38 -8.64
CA ILE A 66 -6.20 13.05 -7.84
C ILE A 66 -5.02 13.89 -8.37
N GLY A 68 -5.11 16.69 -9.57
CA GLY A 68 -5.55 17.27 -10.83
C GLY A 68 -5.77 16.35 -12.03
N HIS A 69 -5.60 15.05 -11.80
CA HIS A 69 -5.91 14.04 -12.80
C HIS A 69 -7.27 13.46 -12.53
N LYS A 70 -8.16 13.48 -13.52
CA LYS A 70 -9.51 12.95 -13.35
C LYS A 70 -9.54 11.42 -13.40
N ALA A 71 -10.28 10.82 -12.48
CA ALA A 71 -10.60 9.43 -12.49
C ALA A 71 -12.07 9.29 -12.11
N ILE A 72 -12.62 8.10 -12.38
CA ILE A 72 -14.03 7.79 -12.07
C ILE A 72 -14.13 6.29 -11.83
N GLY A 73 -14.66 5.90 -10.68
CA GLY A 73 -14.79 4.47 -10.42
C GLY A 73 -15.41 4.20 -9.07
N THR A 74 -15.20 2.99 -8.59
CA THR A 74 -15.80 2.54 -7.36
C THR A 74 -15.05 3.14 -6.13
N VAL A 75 -15.82 3.64 -5.16
CA VAL A 75 -15.28 4.18 -3.91
C VAL A 75 -16.01 3.53 -2.76
N LEU A 76 -15.24 3.10 -1.78
CA LEU A 76 -15.73 2.44 -0.59
C LEU A 76 -15.66 3.45 0.54
N VAL A 77 -16.76 3.63 1.24
CA VAL A 77 -16.87 4.63 2.31
C VAL A 77 -17.01 3.97 3.65
N GLY A 78 -16.15 4.34 4.59
CA GLY A 78 -16.18 3.74 5.91
C GLY A 78 -15.19 4.41 6.82
N PRO A 79 -15.08 3.91 8.05
CA PRO A 79 -14.25 4.48 9.09
C PRO A 79 -12.78 4.11 8.95
N THR A 80 -12.15 4.63 7.91
CA THR A 80 -10.70 4.51 7.75
C THR A 80 -10.00 5.66 8.44
N PRO A 81 -8.81 5.42 9.01
CA PRO A 81 -7.97 6.53 9.55
C PRO A 81 -7.38 7.39 8.49
N VAL A 82 -7.25 6.83 7.28
CA VAL A 82 -6.55 7.50 6.24
C VAL A 82 -7.35 7.27 4.97
N ASN A 83 -7.57 8.31 4.18
CA ASN A 83 -8.19 8.13 2.88
C ASN A 83 -7.14 7.43 2.00
N ILE A 84 -7.55 6.40 1.26
CA ILE A 84 -6.62 5.56 0.51
C ILE A 84 -7.05 5.52 -0.93
N ILE A 85 -6.14 5.86 -1.86
CA ILE A 85 -6.41 5.70 -3.30
C ILE A 85 -5.73 4.38 -3.73
N GLY A 86 -6.55 3.46 -4.20
CA GLY A 86 -6.06 2.14 -4.52
C GLY A 86 -5.93 1.93 -5.99
N ARG A 87 -5.64 0.69 -6.39
CA ARG A 87 -5.21 0.46 -7.78
C ARG A 87 -6.34 0.75 -8.77
N ASN A 88 -7.58 0.58 -8.35
CA ASN A 88 -8.71 0.80 -9.26
C ASN A 88 -8.65 2.21 -9.89
N LEU A 89 -8.18 3.20 -9.14
CA LEU A 89 -8.08 4.61 -9.62
C LEU A 89 -6.65 5.00 -10.00
N LEU A 90 -5.66 4.42 -9.34
CA LEU A 90 -4.24 4.62 -9.76
C LEU A 90 -3.95 4.29 -11.23
N THR A 91 -4.54 3.21 -11.71
CA THR A 91 -4.36 2.82 -13.12
C THR A 91 -4.93 3.88 -14.08
N GLN A 92 -5.98 4.55 -13.64
CA GLN A 92 -6.67 5.53 -14.49
C GLN A 92 -5.87 6.79 -14.61
N ILE A 93 -5.04 7.02 -13.66
CA ILE A 93 -4.15 8.18 -13.74
C ILE A 93 -2.74 7.83 -14.29
N GLY A 94 -2.58 6.64 -14.73
CA GLY A 94 -1.35 6.04 -15.31
C GLY A 94 -0.19 6.01 -14.31
N THR A 96 2.58 4.36 -12.10
CA THR A 96 3.44 3.20 -12.17
C THR A 96 4.39 3.24 -10.99
N LEU A 97 4.91 2.08 -10.63
CA LEU A 97 6.10 1.98 -9.77
C LEU A 97 7.33 1.82 -10.65
N ASN A 98 8.43 2.45 -10.25
CA ASN A 98 9.63 2.41 -11.05
C ASN A 98 10.83 2.27 -10.12
N PHE A 99 11.76 1.37 -10.41
CA PHE A 99 13.04 1.42 -9.67
C PHE A 99 14.09 2.10 -10.56
N GLY A 101 17.13 3.11 -12.76
CA GLY A 101 18.16 2.25 -13.30
C GLY A 101 18.19 2.16 -14.81
N GLY A 102 19.39 1.99 -15.35
CA GLY A 102 19.55 1.59 -16.74
C GLY A 102 18.87 0.23 -16.80
N GLY A 103 18.45 -0.21 -15.63
CA GLY A 103 17.56 -1.37 -15.48
C GLY A 103 16.33 -0.94 -14.71
N GLY A 104 16.08 -1.56 -13.56
CA GLY A 104 14.96 -1.18 -12.70
C GLY A 104 13.62 -1.14 -13.43
N PRO A 105 12.70 -2.07 -13.11
CA PRO A 105 11.47 -2.24 -13.91
C PRO A 105 10.47 -1.07 -13.80
N GLN A 106 9.53 -0.93 -14.77
CA GLN A 106 8.30 -0.10 -14.61
C GLN A 106 7.05 -0.98 -14.48
N ILE A 107 6.36 -0.85 -13.37
CA ILE A 107 5.35 -1.81 -13.01
C ILE A 107 4.04 -1.10 -13.02
N THR A 108 3.09 -1.57 -13.83
CA THR A 108 1.77 -0.97 -13.85
C THR A 108 0.94 -1.69 -12.78
N LEU A 109 -0.27 -1.20 -12.56
CA LEU A 109 -1.07 -1.57 -11.40
C LEU A 109 -2.42 -2.20 -11.76
N TRP A 110 -2.52 -2.74 -12.98
CA TRP A 110 -3.72 -3.42 -13.36
C TRP A 110 -3.90 -4.74 -12.58
N LYS A 111 -2.79 -5.32 -12.10
CA LYS A 111 -2.78 -6.47 -11.23
C LYS A 111 -1.99 -6.07 -9.98
N ARG A 112 -2.14 -6.81 -8.90
CA ARG A 112 -1.32 -6.54 -7.71
C ARG A 112 0.15 -6.61 -8.05
N PRO A 113 0.94 -5.63 -7.56
CA PRO A 113 2.39 -5.62 -7.78
C PRO A 113 3.13 -6.62 -6.85
N LEU A 114 2.92 -7.89 -7.16
CA LEU A 114 3.59 -8.98 -6.51
C LEU A 114 4.96 -9.28 -7.12
N VAL A 115 5.94 -9.50 -6.26
CA VAL A 115 7.32 -9.77 -6.65
C VAL A 115 7.86 -10.90 -5.79
N THR A 116 8.90 -11.55 -6.25
CA THR A 116 9.65 -12.51 -5.42
C THR A 116 10.74 -11.76 -4.64
N ILE A 117 10.87 -12.17 -3.38
CA ILE A 117 11.88 -11.70 -2.47
C ILE A 117 12.62 -12.86 -1.86
N ARG A 118 13.85 -12.62 -1.47
CA ARG A 118 14.59 -13.63 -0.75
C ARG A 118 14.88 -13.01 0.59
N ILE A 119 14.37 -13.65 1.64
CA ILE A 119 14.59 -13.24 3.04
C ILE A 119 14.81 -14.48 3.90
N GLY A 120 15.81 -14.43 4.75
CA GLY A 120 16.24 -15.61 5.53
C GLY A 120 16.63 -16.82 4.69
N GLY A 121 17.12 -16.60 3.46
CA GLY A 121 17.41 -17.71 2.51
C GLY A 121 16.20 -18.28 1.76
N GLN A 122 15.02 -17.78 2.09
CA GLN A 122 13.77 -18.34 1.64
C GLN A 122 13.17 -17.44 0.57
N LEU A 123 12.78 -18.01 -0.57
CA LEU A 123 12.00 -17.27 -1.56
C LEU A 123 10.56 -17.12 -1.08
N LYS A 124 10.06 -15.89 -1.11
CA LYS A 124 8.68 -15.59 -0.80
C LYS A 124 8.10 -14.62 -1.83
N GLU A 125 6.78 -14.57 -1.92
CA GLU A 125 6.08 -13.59 -2.73
C GLU A 125 5.66 -12.46 -1.81
N ALA A 126 5.72 -11.23 -2.29
CA ALA A 126 5.40 -10.08 -1.48
C ALA A 126 4.87 -8.98 -2.35
N LEU A 127 4.05 -8.11 -1.76
CA LEU A 127 3.38 -7.02 -2.47
C LEU A 127 4.16 -5.71 -2.25
N LEU A 128 4.49 -4.99 -3.35
CA LEU A 128 5.12 -3.67 -3.23
C LEU A 128 4.03 -2.70 -2.79
N ASP A 129 4.18 -2.16 -1.58
CA ASP A 129 3.10 -1.49 -0.86
C ASP A 129 3.46 -0.07 -0.40
N THR A 130 3.13 0.92 -1.22
CA THR A 130 3.43 2.27 -0.91
C THR A 130 2.59 2.79 0.24
N GLY A 131 1.49 2.12 0.58
CA GLY A 131 0.68 2.46 1.76
C GLY A 131 1.20 2.00 3.11
N ALA A 132 2.31 1.25 3.10
CA ALA A 132 2.91 0.67 4.29
C ALA A 132 4.19 1.43 4.65
N ASP A 133 4.26 1.92 5.89
CA ASP A 133 5.51 2.53 6.38
C ASP A 133 6.66 1.49 6.40
N ASP A 134 6.30 0.27 6.83
CA ASP A 134 7.19 -0.83 7.20
C ASP A 134 6.93 -2.06 6.34
N THR A 135 7.88 -2.99 6.39
CA THR A 135 7.83 -4.24 5.68
C THR A 135 7.40 -5.32 6.68
N VAL A 136 6.36 -6.08 6.34
CA VAL A 136 5.72 -7.02 7.26
C VAL A 136 5.61 -8.33 6.56
N ILE A 137 6.13 -9.38 7.16
CA ILE A 137 6.13 -10.69 6.57
C ILE A 137 5.53 -11.72 7.53
N GLU A 138 4.87 -12.72 6.96
CA GLU A 138 4.25 -13.79 7.67
C GLU A 138 5.27 -14.52 8.57
N GLU A 139 4.74 -15.32 9.51
CA GLU A 139 5.58 -15.98 10.55
C GLU A 139 6.68 -16.75 9.84
N ASN A 141 11.31 -17.62 10.85
CA ASN A 141 12.41 -17.33 11.80
C ASN A 141 13.54 -16.54 11.20
N LEU A 142 13.91 -15.48 11.90
CA LEU A 142 15.04 -14.64 11.51
C LEU A 142 15.90 -14.53 12.74
N PRO A 143 17.17 -14.17 12.57
CA PRO A 143 18.06 -13.99 13.72
C PRO A 143 17.81 -12.73 14.51
N GLY A 144 18.05 -12.81 15.83
CA GLY A 144 18.20 -11.63 16.68
C GLY A 144 17.28 -11.69 17.89
N TRP A 146 14.43 -9.84 19.09
CA TRP A 146 13.48 -9.02 18.38
C TRP A 146 12.66 -8.30 19.46
N LYS A 147 12.44 -7.04 19.17
CA LYS A 147 11.58 -6.22 19.94
C LYS A 147 10.14 -6.59 19.54
N PRO A 148 9.27 -6.92 20.49
CA PRO A 148 7.84 -6.90 20.15
C PRO A 148 7.34 -5.46 19.89
N LYS A 149 6.49 -5.30 18.87
CA LYS A 149 5.87 -4.03 18.48
C LYS A 149 4.42 -4.31 18.14
N ILE A 151 1.59 -2.85 15.25
CA ILE A 151 1.35 -2.05 14.08
C ILE A 151 -0.10 -2.17 13.68
N GLY A 152 -0.57 -1.20 12.94
CA GLY A 152 -1.95 -1.14 12.60
C GLY A 152 -2.22 -0.98 11.13
N GLY A 153 -3.46 -1.29 10.77
CA GLY A 153 -3.89 -1.22 9.37
C GLY A 153 -5.35 -0.90 9.39
N GLY A 155 -7.91 -2.53 9.61
CA GLY A 155 -8.84 -3.28 10.46
C GLY A 155 -8.51 -3.36 11.93
N GLY A 156 -7.40 -2.73 12.33
CA GLY A 156 -6.99 -2.72 13.72
C GLY A 156 -5.51 -2.98 13.85
N PHE A 157 -5.13 -3.36 15.06
CA PHE A 157 -3.73 -3.60 15.39
C PHE A 157 -3.40 -5.07 15.56
N ILE A 158 -2.16 -5.41 15.20
CA ILE A 158 -1.59 -6.75 15.47
C ILE A 158 -0.22 -6.65 16.15
N LYS A 159 0.17 -7.70 16.87
CA LYS A 159 1.48 -7.77 17.47
C LYS A 159 2.43 -8.40 16.46
N VAL A 160 3.65 -7.84 16.35
CA VAL A 160 4.70 -8.32 15.49
C VAL A 160 6.02 -8.40 16.28
N ARG A 161 7.00 -9.09 15.71
CA ARG A 161 8.36 -9.12 16.20
C ARG A 161 9.17 -8.28 15.25
N GLN A 162 9.96 -7.37 15.77
CA GLN A 162 10.81 -6.55 14.90
C GLN A 162 12.24 -7.09 14.82
N TYR A 163 12.73 -7.27 13.60
CA TYR A 163 14.12 -7.62 13.36
C TYR A 163 14.82 -6.50 12.62
N ASP A 164 16.03 -6.11 13.00
CA ASP A 164 16.69 -4.99 12.35
C ASP A 164 17.90 -5.49 11.51
N GLN A 165 18.29 -4.69 10.52
CA GLN A 165 19.46 -4.95 9.67
C GLN A 165 19.43 -6.35 9.04
N ILE A 166 18.26 -6.70 8.48
CA ILE A 166 18.03 -7.99 7.83
C ILE A 166 18.24 -7.81 6.32
N PRO A 167 19.14 -8.59 5.73
CA PRO A 167 19.22 -8.48 4.26
C PRO A 167 17.98 -9.03 3.60
N VAL A 168 17.51 -8.34 2.57
CA VAL A 168 16.34 -8.74 1.79
C VAL A 168 16.62 -8.40 0.33
N GLU A 169 16.39 -9.35 -0.56
CA GLU A 169 16.53 -9.07 -2.00
C GLU A 169 15.14 -8.99 -2.55
N ILE A 170 14.88 -7.99 -3.36
CA ILE A 170 13.54 -7.73 -3.82
C ILE A 170 13.65 -7.62 -5.33
N GLY A 172 15.71 -9.04 -7.08
CA GLY A 172 17.14 -8.91 -7.35
C GLY A 172 17.86 -7.67 -6.84
N HIS A 173 17.15 -6.71 -6.26
CA HIS A 173 17.79 -5.50 -5.73
C HIS A 173 18.01 -5.72 -4.28
N LYS A 174 19.17 -5.30 -3.79
CA LYS A 174 19.56 -5.57 -2.42
C LYS A 174 19.07 -4.48 -1.46
N ALA A 175 18.52 -4.93 -0.34
CA ALA A 175 18.16 -4.04 0.76
C ALA A 175 18.75 -4.66 2.01
N ILE A 176 18.96 -3.85 3.03
CA ILE A 176 19.23 -4.37 4.36
C ILE A 176 18.48 -3.46 5.34
N GLY A 177 17.52 -4.02 6.04
CA GLY A 177 16.78 -3.18 6.94
C GLY A 177 15.80 -3.89 7.82
N THR A 178 14.86 -3.12 8.38
CA THR A 178 13.94 -3.65 9.38
C THR A 178 12.81 -4.47 8.73
N VAL A 179 12.57 -5.64 9.31
CA VAL A 179 11.49 -6.51 8.91
C VAL A 179 10.64 -6.83 10.15
N LEU A 180 9.34 -6.70 9.98
CA LEU A 180 8.36 -7.05 10.99
C LEU A 180 7.74 -8.37 10.65
N VAL A 181 7.71 -9.29 11.60
CA VAL A 181 7.20 -10.65 11.39
C VAL A 181 5.98 -10.88 12.25
N GLY A 182 4.90 -11.34 11.64
CA GLY A 182 3.63 -11.51 12.36
C GLY A 182 2.49 -11.90 11.43
N PRO A 183 1.28 -11.92 11.95
CA PRO A 183 0.11 -12.39 11.21
C PRO A 183 -0.48 -11.40 10.24
N THR A 184 0.32 -11.00 9.27
CA THR A 184 -0.16 -10.16 8.20
C THR A 184 -0.88 -11.03 7.20
N PRO A 185 -1.97 -10.53 6.62
CA PRO A 185 -2.67 -11.23 5.54
C PRO A 185 -1.85 -11.46 4.28
N VAL A 186 -0.91 -10.54 4.01
CA VAL A 186 -0.12 -10.56 2.80
C VAL A 186 1.27 -10.09 3.15
N ASN A 187 2.29 -10.71 2.58
CA ASN A 187 3.66 -10.22 2.78
C ASN A 187 3.77 -8.90 2.06
N ILE A 188 4.25 -7.87 2.76
CA ILE A 188 4.29 -6.52 2.15
C ILE A 188 5.66 -5.90 2.30
N ILE A 189 6.15 -5.33 1.20
CA ILE A 189 7.33 -4.50 1.20
C ILE A 189 6.91 -3.07 1.29
N GLY A 190 7.30 -2.43 2.39
CA GLY A 190 6.89 -1.09 2.71
C GLY A 190 7.97 -0.07 2.42
N ARG A 191 7.69 1.17 2.75
CA ARG A 191 8.52 2.24 2.28
C ARG A 191 9.94 2.16 2.81
N ASN A 192 10.12 1.56 3.98
CA ASN A 192 11.46 1.46 4.55
C ASN A 192 12.44 0.74 3.60
N LEU A 193 11.98 -0.30 2.91
CA LEU A 193 12.83 -0.97 1.92
C LEU A 193 12.60 -0.48 0.48
N LEU A 194 11.40 -0.01 0.11
CA LEU A 194 11.22 0.56 -1.24
C LEU A 194 12.20 1.71 -1.50
N THR A 195 12.44 2.54 -0.49
CA THR A 195 13.34 3.64 -0.62
C THR A 195 14.73 3.11 -0.85
N GLN A 196 15.08 1.98 -0.22
CA GLN A 196 16.45 1.41 -0.38
C GLN A 196 16.74 0.91 -1.82
N ILE A 197 15.72 0.45 -2.52
CA ILE A 197 15.86 -0.07 -3.90
C ILE A 197 15.50 0.97 -4.94
N GLY A 198 15.32 2.22 -4.50
CA GLY A 198 15.17 3.33 -5.42
C GLY A 198 13.79 3.47 -6.01
N THR A 200 10.06 4.64 -6.83
CA THR A 200 9.27 5.85 -6.84
C THR A 200 7.90 5.55 -7.49
N LEU A 201 6.94 6.39 -7.18
CA LEU A 201 5.67 6.41 -7.87
C LEU A 201 5.72 7.46 -8.92
N ASN A 202 5.19 7.12 -10.07
CA ASN A 202 5.23 8.10 -11.16
C ASN A 202 3.89 8.15 -11.86
N PHE A 203 3.41 9.32 -12.24
CA PHE A 203 2.17 9.32 -13.00
C PHE A 203 2.51 9.30 -14.48
#